data_6EP1
#
_entry.id   6EP1
#
_cell.length_a   42.900
_cell.length_b   85.270
_cell.length_c   64.590
_cell.angle_alpha   90.000
_cell.angle_beta   90.000
_cell.angle_gamma   90.000
#
_symmetry.space_group_name_H-M   'P 21 21 2'
#
loop_
_entity.id
_entity.type
_entity.pdbx_description
1 polymer Transthyretin
2 non-polymer '5-(4-nitrophenylazo)-3-iodosalicylic acid'
3 water water
#
_entity_poly.entity_id   1
_entity_poly.type   'polypeptide(L)'
_entity_poly.pdbx_seq_one_letter_code
;CPLMVKVLDAVRGSPAINVAVHVFRKAADDTWEPFASGKTSESGELHGLTTEEEFVEGIYKVEIDTKSYWKALGISPFHE
HAEVVFTANDSGPRRYTIAALLSPYSYSTTAVVTN
;
_entity_poly.pdbx_strand_id   A,B
#
# COMPACT_ATOMS: atom_id res chain seq x y z
N CYS A 1 -17.07 2.29 -13.39
CA CYS A 1 -18.42 1.83 -13.03
C CYS A 1 -18.40 0.79 -11.90
N PRO A 2 -17.91 -0.43 -12.15
CA PRO A 2 -17.70 -1.35 -11.04
C PRO A 2 -16.41 -1.11 -10.28
N LEU A 3 -15.49 -0.31 -10.83
CA LEU A 3 -14.21 -0.03 -10.18
C LEU A 3 -13.88 1.44 -10.43
N MET A 4 -13.81 2.22 -9.36
CA MET A 4 -13.48 3.64 -9.45
C MET A 4 -12.38 3.94 -8.44
N VAL A 5 -11.53 4.90 -8.76
CA VAL A 5 -10.45 5.31 -7.89
C VAL A 5 -10.57 6.81 -7.66
N LYS A 6 -10.43 7.23 -6.40
CA LYS A 6 -10.47 8.64 -6.03
C LYS A 6 -9.22 8.96 -5.22
N VAL A 7 -8.53 10.02 -5.57
CA VAL A 7 -7.27 10.36 -4.92
C VAL A 7 -7.32 11.81 -4.48
N LEU A 8 -6.97 12.06 -3.21
CA LEU A 8 -6.97 13.38 -2.60
C LEU A 8 -5.57 13.74 -2.12
N ASP A 9 -5.29 15.04 -2.09
CA ASP A 9 -4.00 15.59 -1.69
C ASP A 9 -4.18 16.27 -0.34
N ALA A 10 -3.51 15.72 0.69
CA ALA A 10 -3.63 16.20 2.07
C ALA A 10 -2.76 17.42 2.36
N VAL A 11 -1.88 17.79 1.42
CA VAL A 11 -1.07 19.00 1.59
C VAL A 11 -1.83 20.23 1.14
N ARG A 12 -2.45 20.13 -0.04
CA ARG A 12 -3.18 21.26 -0.63
C ARG A 12 -4.67 21.26 -0.30
N GLY A 13 -5.22 20.15 0.18
CA GLY A 13 -6.65 20.09 0.42
C GLY A 13 -7.40 20.14 -0.88
N SER A 14 -7.06 19.25 -1.80
CA SER A 14 -7.58 19.30 -3.15
CA SER A 14 -7.57 19.31 -3.16
C SER A 14 -7.64 17.89 -3.70
N PRO A 15 -8.41 17.66 -4.75
CA PRO A 15 -8.24 16.41 -5.51
C PRO A 15 -6.81 16.32 -6.00
N ALA A 16 -6.32 15.09 -6.10
CA ALA A 16 -5.01 14.85 -6.70
C ALA A 16 -5.24 14.58 -8.18
N ILE A 17 -4.83 15.53 -9.02
CA ILE A 17 -5.18 15.54 -10.43
C ILE A 17 -4.04 14.92 -11.23
N ASN A 18 -4.39 14.21 -12.30
CA ASN A 18 -3.39 13.67 -13.22
C ASN A 18 -2.50 12.61 -12.58
N VAL A 19 -3.04 11.86 -11.63
CA VAL A 19 -2.30 10.76 -11.01
C VAL A 19 -2.48 9.52 -11.87
N ALA A 20 -1.37 8.90 -12.26
CA ALA A 20 -1.43 7.67 -13.05
C ALA A 20 -1.81 6.50 -12.15
N VAL A 21 -2.67 5.63 -12.67
CA VAL A 21 -3.15 4.47 -11.94
C VAL A 21 -3.07 3.26 -12.87
N HIS A 22 -2.44 2.19 -12.40
CA HIS A 22 -2.34 0.96 -13.17
C HIS A 22 -2.99 -0.17 -12.37
N VAL A 23 -3.87 -0.92 -13.01
CA VAL A 23 -4.57 -2.04 -12.38
C VAL A 23 -4.05 -3.33 -13.00
N PHE A 24 -3.81 -4.32 -12.15
CA PHE A 24 -3.35 -5.64 -12.54
C PHE A 24 -4.27 -6.68 -11.93
N ARG A 25 -4.31 -7.86 -12.57
CA ARG A 25 -5.07 -9.00 -12.07
C ARG A 25 -4.15 -10.21 -12.04
N LYS A 26 -4.21 -10.96 -10.94
CA LYS A 26 -3.33 -12.11 -10.81
C LYS A 26 -3.82 -13.22 -11.74
N ALA A 27 -2.91 -13.73 -12.57
CA ALA A 27 -3.23 -14.76 -13.55
C ALA A 27 -3.10 -16.15 -12.93
N ALA A 28 -3.51 -17.16 -13.72
CA ALA A 28 -3.45 -18.54 -13.24
C ALA A 28 -2.04 -18.96 -12.87
N ASP A 29 -1.03 -18.39 -13.53
CA ASP A 29 0.36 -18.69 -13.23
C ASP A 29 0.93 -17.84 -12.09
N ASP A 30 0.10 -17.07 -11.40
CA ASP A 30 0.49 -16.27 -10.24
C ASP A 30 1.27 -15.00 -10.57
N THR A 31 1.27 -14.57 -11.83
CA THR A 31 1.89 -13.30 -12.19
C THR A 31 0.83 -12.20 -12.26
N TRP A 32 1.28 -10.95 -12.20
CA TRP A 32 0.39 -9.80 -12.27
C TRP A 32 0.23 -9.40 -13.73
N GLU A 33 -0.97 -9.61 -14.26
CA GLU A 33 -1.21 -9.27 -15.64
C GLU A 33 -1.86 -7.90 -15.75
N PRO A 34 -1.43 -7.07 -16.68
CA PRO A 34 -2.07 -5.76 -16.86
C PRO A 34 -3.57 -5.94 -17.09
N PHE A 35 -4.36 -5.09 -16.45
CA PHE A 35 -5.82 -5.18 -16.51
C PHE A 35 -6.46 -3.90 -17.02
N ALA A 36 -6.03 -2.74 -16.50
CA ALA A 36 -6.56 -1.45 -16.94
C ALA A 36 -5.64 -0.36 -16.40
N SER A 37 -5.71 0.82 -17.02
CA SER A 37 -4.96 1.95 -16.49
C SER A 37 -5.63 3.25 -16.89
N GLY A 38 -5.25 4.33 -16.22
CA GLY A 38 -5.77 5.64 -16.55
C GLY A 38 -5.15 6.69 -15.65
N LYS A 39 -5.70 7.90 -15.72
CA LYS A 39 -5.23 9.01 -14.89
C LYS A 39 -6.41 9.71 -14.23
N THR A 40 -6.20 10.21 -13.02
CA THR A 40 -7.29 10.92 -12.35
C THR A 40 -7.60 12.24 -13.04
N SER A 41 -8.87 12.62 -12.98
CA SER A 41 -9.41 13.82 -13.60
C SER A 41 -9.19 15.03 -12.68
N GLU A 42 -9.74 16.17 -13.09
CA GLU A 42 -9.71 17.37 -12.27
C GLU A 42 -10.41 17.17 -10.93
N SER A 43 -11.31 16.20 -10.82
CA SER A 43 -11.99 15.92 -9.55
C SER A 43 -11.27 14.87 -8.73
N GLY A 44 -10.08 14.43 -9.16
CA GLY A 44 -9.35 13.38 -8.49
C GLY A 44 -9.90 12.00 -8.73
N GLU A 45 -10.80 11.83 -9.69
CA GLU A 45 -11.48 10.57 -9.90
C GLU A 45 -11.04 9.92 -11.20
N LEU A 46 -11.08 8.60 -11.20
CA LEU A 46 -10.77 7.81 -12.38
C LEU A 46 -11.91 6.83 -12.56
N HIS A 47 -12.69 7.03 -13.61
CA HIS A 47 -13.83 6.21 -13.99
C HIS A 47 -13.52 5.48 -15.29
N GLY A 48 -14.33 4.47 -15.59
CA GLY A 48 -14.24 3.79 -16.86
C GLY A 48 -13.08 2.83 -17.01
N LEU A 49 -12.47 2.39 -15.92
CA LEU A 49 -11.37 1.44 -16.02
C LEU A 49 -11.82 0.12 -16.61
N THR A 50 -13.01 -0.36 -16.25
CA THR A 50 -13.44 -1.68 -16.66
C THR A 50 -14.96 -1.72 -16.76
N THR A 51 -15.49 -2.91 -17.05
CA THR A 51 -16.92 -3.13 -17.16
C THR A 51 -17.29 -4.29 -16.27
N GLU A 52 -18.59 -4.40 -15.97
CA GLU A 52 -19.03 -5.55 -15.19
C GLU A 52 -18.66 -6.86 -15.87
N GLU A 53 -18.70 -6.89 -17.20
CA GLU A 53 -18.38 -8.10 -17.94
C GLU A 53 -16.90 -8.49 -17.78
N GLU A 54 -15.98 -7.53 -17.92
CA GLU A 54 -14.57 -7.86 -17.86
C GLU A 54 -14.05 -8.01 -16.45
N PHE A 55 -14.73 -7.42 -15.47
CA PHE A 55 -14.26 -7.38 -14.08
C PHE A 55 -14.74 -8.63 -13.35
N VAL A 56 -14.13 -9.75 -13.72
CA VAL A 56 -14.47 -11.06 -13.17
C VAL A 56 -13.86 -11.23 -11.79
N GLU A 57 -14.19 -12.32 -11.10
CA GLU A 57 -13.55 -12.62 -9.83
C GLU A 57 -12.04 -12.70 -10.04
N GLY A 58 -11.31 -12.29 -9.01
CA GLY A 58 -9.87 -12.42 -9.06
C GLY A 58 -9.23 -11.60 -7.96
N ILE A 59 -7.91 -11.66 -7.93
CA ILE A 59 -7.12 -10.81 -7.05
C ILE A 59 -6.57 -9.68 -7.90
N TYR A 60 -6.85 -8.45 -7.47
CA TYR A 60 -6.50 -7.25 -8.24
C TYR A 60 -5.53 -6.40 -7.43
N LYS A 61 -4.67 -5.71 -8.15
CA LYS A 61 -3.76 -4.74 -7.57
C LYS A 61 -3.99 -3.41 -8.26
N VAL A 62 -4.30 -2.38 -7.48
CA VAL A 62 -4.43 -1.02 -7.97
C VAL A 62 -3.18 -0.28 -7.52
N GLU A 63 -2.36 0.12 -8.48
CA GLU A 63 -1.12 0.83 -8.22
C GLU A 63 -1.32 2.30 -8.54
N ILE A 64 -1.14 3.16 -7.54
CA ILE A 64 -1.32 4.60 -7.69
C ILE A 64 0.06 5.23 -7.69
N ASP A 65 0.40 5.93 -8.77
CA ASP A 65 1.77 6.40 -8.96
C ASP A 65 1.99 7.73 -8.22
N THR A 66 2.11 7.60 -6.90
CA THR A 66 2.21 8.76 -6.03
C THR A 66 3.57 9.46 -6.17
N LYS A 67 4.65 8.72 -6.41
CA LYS A 67 5.95 9.38 -6.48
C LYS A 67 6.00 10.38 -7.62
N SER A 68 5.51 9.99 -8.81
CA SER A 68 5.51 10.92 -9.93
C SER A 68 4.64 12.13 -9.62
N TYR A 69 3.53 11.92 -8.92
CA TYR A 69 2.66 13.03 -8.54
C TYR A 69 3.42 14.05 -7.70
N TRP A 70 4.08 13.60 -6.63
CA TRP A 70 4.77 14.53 -5.74
C TRP A 70 5.96 15.18 -6.41
N LYS A 71 6.73 14.41 -7.18
CA LYS A 71 7.92 14.99 -7.81
C LYS A 71 7.56 16.15 -8.72
N ALA A 72 6.43 16.04 -9.43
CA ALA A 72 6.01 17.12 -10.31
C ALA A 72 5.65 18.38 -9.53
N LEU A 73 5.29 18.24 -8.25
CA LEU A 73 5.02 19.36 -7.37
C LEU A 73 6.25 19.85 -6.61
N GLY A 74 7.43 19.29 -6.90
CA GLY A 74 8.66 19.70 -6.26
C GLY A 74 8.93 19.06 -4.91
N ILE A 75 8.27 17.96 -4.61
CA ILE A 75 8.40 17.26 -3.34
C ILE A 75 9.02 15.90 -3.62
N SER A 76 10.03 15.55 -2.84
CA SER A 76 10.65 14.24 -2.94
CA SER A 76 10.65 14.24 -2.94
C SER A 76 9.99 13.36 -1.90
N PRO A 77 9.08 12.48 -2.28
CA PRO A 77 8.27 11.74 -1.32
C PRO A 77 8.95 10.44 -0.90
N PHE A 78 8.33 9.78 0.08
CA PHE A 78 8.91 8.57 0.62
C PHE A 78 8.60 7.35 -0.26
N HIS A 79 7.35 7.18 -0.67
CA HIS A 79 6.92 5.95 -1.30
C HIS A 79 7.11 5.98 -2.81
N GLU A 80 7.37 4.80 -3.37
CA GLU A 80 7.39 4.67 -4.82
C GLU A 80 6.00 4.79 -5.41
N HIS A 81 5.03 4.19 -4.76
CA HIS A 81 3.64 4.22 -5.19
C HIS A 81 2.81 3.78 -3.99
N ALA A 82 1.50 3.82 -4.13
CA ALA A 82 0.60 3.21 -3.18
C ALA A 82 -0.04 2.04 -3.90
N GLU A 83 -0.05 0.87 -3.27
CA GLU A 83 -0.58 -0.34 -3.88
C GLU A 83 -1.76 -0.83 -3.04
N VAL A 84 -2.86 -1.14 -3.69
CA VAL A 84 -4.04 -1.66 -3.01
C VAL A 84 -4.35 -3.01 -3.64
N VAL A 85 -4.24 -4.08 -2.85
CA VAL A 85 -4.37 -5.45 -3.34
C VAL A 85 -5.56 -6.10 -2.63
N PHE A 86 -6.47 -6.67 -3.41
CA PHE A 86 -7.72 -7.18 -2.86
C PHE A 86 -8.34 -8.22 -3.77
N THR A 87 -9.12 -9.13 -3.16
CA THR A 87 -9.96 -10.03 -3.93
C THR A 87 -11.26 -9.33 -4.25
N ALA A 88 -11.68 -9.40 -5.51
CA ALA A 88 -12.90 -8.79 -6.00
C ALA A 88 -13.88 -9.81 -6.55
N ASN A 89 -15.16 -9.57 -6.28
CA ASN A 89 -16.27 -10.27 -6.93
C ASN A 89 -16.33 -11.75 -6.58
N ASP A 90 -15.80 -12.15 -5.42
CA ASP A 90 -15.85 -13.57 -5.10
C ASP A 90 -17.18 -13.98 -4.50
N SER A 91 -18.01 -13.03 -4.05
CA SER A 91 -19.38 -13.27 -3.63
C SER A 91 -20.39 -12.80 -4.68
N GLY A 92 -19.95 -12.63 -5.91
CA GLY A 92 -20.76 -12.05 -6.95
C GLY A 92 -20.30 -10.63 -7.22
N PRO A 93 -20.85 -10.01 -8.27
CA PRO A 93 -20.40 -8.65 -8.62
C PRO A 93 -20.68 -7.62 -7.54
N ARG A 94 -19.74 -6.70 -7.39
CA ARG A 94 -19.84 -5.59 -6.45
C ARG A 94 -19.23 -4.37 -7.12
N ARG A 95 -19.54 -3.21 -6.57
CA ARG A 95 -18.98 -1.95 -7.04
C ARG A 95 -17.95 -1.51 -6.01
N TYR A 96 -16.75 -1.21 -6.48
CA TYR A 96 -15.62 -0.88 -5.62
C TYR A 96 -15.16 0.55 -5.87
N THR A 97 -15.07 1.33 -4.81
CA THR A 97 -14.38 2.62 -4.86
C THR A 97 -13.15 2.50 -3.98
N ILE A 98 -11.98 2.74 -4.58
CA ILE A 98 -10.72 2.77 -3.87
C ILE A 98 -10.37 4.25 -3.69
N ALA A 99 -10.34 4.71 -2.44
CA ALA A 99 -9.97 6.07 -2.13
C ALA A 99 -8.59 6.12 -1.50
N ALA A 100 -7.79 7.10 -1.88
CA ALA A 100 -6.48 7.28 -1.32
C ALA A 100 -6.26 8.74 -0.97
N LEU A 101 -5.70 8.98 0.21
CA LEU A 101 -5.34 10.32 0.67
C LEU A 101 -3.82 10.37 0.79
N LEU A 102 -3.20 11.33 0.10
CA LEU A 102 -1.75 11.35 -0.10
C LEU A 102 -1.08 12.49 0.67
N SER A 103 0.02 12.16 1.34
CA SER A 103 0.98 13.11 1.88
C SER A 103 2.37 12.67 1.45
N PRO A 104 3.37 13.55 1.55
CA PRO A 104 4.68 13.16 1.04
C PRO A 104 5.27 11.92 1.70
N TYR A 105 5.06 11.73 3.01
CA TYR A 105 5.62 10.58 3.71
C TYR A 105 4.56 9.61 4.23
N SER A 106 3.32 9.73 3.75
CA SER A 106 2.24 8.90 4.28
C SER A 106 1.16 8.78 3.23
N TYR A 107 0.44 7.67 3.27
CA TYR A 107 -0.82 7.60 2.53
C TYR A 107 -1.78 6.72 3.29
N SER A 108 -3.06 6.99 3.07
CA SER A 108 -4.12 6.20 3.65
C SER A 108 -5.03 5.77 2.52
N THR A 109 -5.57 4.57 2.63
CA THR A 109 -6.48 4.10 1.62
C THR A 109 -7.63 3.37 2.27
N THR A 110 -8.81 3.53 1.68
CA THR A 110 -9.99 2.84 2.14
CA THR A 110 -10.01 2.85 2.14
C THR A 110 -10.77 2.35 0.93
N ALA A 111 -11.63 1.39 1.16
CA ALA A 111 -12.48 0.85 0.13
C ALA A 111 -13.94 1.02 0.54
N VAL A 112 -14.75 1.45 -0.41
CA VAL A 112 -16.20 1.47 -0.28
C VAL A 112 -16.74 0.45 -1.26
N VAL A 113 -17.39 -0.58 -0.74
CA VAL A 113 -17.88 -1.71 -1.52
C VAL A 113 -19.40 -1.76 -1.39
N THR A 114 -20.09 -1.72 -2.53
CA THR A 114 -21.55 -1.69 -2.51
C THR A 114 -22.10 -2.80 -3.38
N ASN A 115 -23.33 -3.19 -3.08
CA ASN A 115 -24.05 -4.28 -3.74
C ASN A 115 -23.58 -5.65 -3.25
N CYS B 1 17.18 -2.14 13.72
CA CYS B 1 17.99 -0.96 14.03
C CYS B 1 17.82 0.16 12.99
N PRO B 2 18.29 -0.05 11.75
CA PRO B 2 18.00 0.95 10.72
C PRO B 2 16.60 0.83 10.13
N LEU B 3 15.90 -0.26 10.36
CA LEU B 3 14.56 -0.47 9.83
C LEU B 3 13.70 -1.13 10.90
N MET B 4 12.63 -0.44 11.30
CA MET B 4 11.69 -0.95 12.27
C MET B 4 10.28 -0.81 11.71
N VAL B 5 9.40 -1.72 12.10
CA VAL B 5 8.01 -1.70 11.67
C VAL B 5 7.13 -1.70 12.91
N LYS B 6 6.13 -0.82 12.92
CA LYS B 6 5.17 -0.76 14.01
C LYS B 6 3.76 -0.82 13.44
N VAL B 7 2.93 -1.68 14.00
CA VAL B 7 1.60 -1.93 13.47
C VAL B 7 0.58 -1.76 14.59
N LEU B 8 -0.47 -0.98 14.31
CA LEU B 8 -1.53 -0.68 15.27
C LEU B 8 -2.88 -1.12 14.71
N ASP B 9 -3.78 -1.46 15.63
CA ASP B 9 -5.11 -1.97 15.32
C ASP B 9 -6.11 -0.88 15.71
N ALA B 10 -6.81 -0.32 14.71
CA ALA B 10 -7.75 0.77 14.92
C ALA B 10 -9.13 0.29 15.38
N VAL B 11 -9.39 -1.01 15.34
CA VAL B 11 -10.65 -1.55 15.84
C VAL B 11 -10.58 -1.79 17.34
N ARG B 12 -9.49 -2.39 17.79
CA ARG B 12 -9.30 -2.70 19.20
C ARG B 12 -8.58 -1.59 19.95
N GLY B 13 -7.93 -0.66 19.26
CA GLY B 13 -7.16 0.37 19.95
C GLY B 13 -5.95 -0.21 20.66
N SER B 14 -5.15 -0.98 19.93
CA SER B 14 -4.10 -1.76 20.54
C SER B 14 -2.99 -1.94 19.53
N PRO B 15 -1.81 -2.34 19.96
CA PRO B 15 -0.82 -2.86 19.01
C PRO B 15 -1.42 -4.04 18.26
N ALA B 16 -1.00 -4.21 17.01
CA ALA B 16 -1.37 -5.39 16.23
C ALA B 16 -0.29 -6.44 16.47
N ILE B 17 -0.62 -7.47 17.24
CA ILE B 17 0.33 -8.44 17.75
C ILE B 17 0.37 -9.65 16.84
N ASN B 18 1.56 -10.19 16.63
CA ASN B 18 1.73 -11.44 15.87
C ASN B 18 1.35 -11.29 14.40
N VAL B 19 1.55 -10.10 13.84
CA VAL B 19 1.31 -9.87 12.40
C VAL B 19 2.58 -10.24 11.66
N ALA B 20 2.45 -11.06 10.62
CA ALA B 20 3.61 -11.41 9.81
C ALA B 20 3.99 -10.24 8.91
N VAL B 21 5.29 -10.00 8.81
CA VAL B 21 5.85 -8.91 8.03
C VAL B 21 6.99 -9.50 7.21
N HIS B 22 6.95 -9.28 5.89
CA HIS B 22 7.99 -9.74 4.99
C HIS B 22 8.58 -8.53 4.28
N VAL B 23 9.91 -8.43 4.30
CA VAL B 23 10.62 -7.35 3.62
C VAL B 23 11.34 -7.95 2.43
N PHE B 24 11.31 -7.24 1.31
CA PHE B 24 11.96 -7.65 0.08
C PHE B 24 12.79 -6.50 -0.44
N ARG B 25 13.81 -6.83 -1.23
CA ARG B 25 14.62 -5.82 -1.88
C ARG B 25 14.61 -6.09 -3.37
N LYS B 26 14.47 -5.03 -4.17
CA LYS B 26 14.38 -5.19 -5.61
C LYS B 26 15.74 -5.59 -6.17
N ALA B 27 15.77 -6.67 -6.95
CA ALA B 27 16.98 -7.18 -7.55
C ALA B 27 17.24 -6.52 -8.90
N ALA B 28 18.42 -6.80 -9.46
CA ALA B 28 18.80 -6.20 -10.73
C ALA B 28 17.83 -6.57 -11.85
N ASP B 29 17.24 -7.77 -11.80
CA ASP B 29 16.28 -8.19 -12.82
C ASP B 29 14.87 -7.69 -12.53
N ASP B 30 14.69 -6.83 -11.55
CA ASP B 30 13.42 -6.21 -11.20
C ASP B 30 12.47 -7.14 -10.45
N THR B 31 12.96 -8.24 -9.91
CA THR B 31 12.14 -9.11 -9.07
C THR B 31 12.39 -8.76 -7.61
N TRP B 32 11.44 -9.16 -6.76
CA TRP B 32 11.51 -8.89 -5.33
C TRP B 32 12.21 -10.06 -4.64
N GLU B 33 13.40 -9.81 -4.08
CA GLU B 33 14.02 -10.92 -3.40
C GLU B 33 13.80 -10.82 -1.89
N PRO B 34 13.49 -11.93 -1.23
CA PRO B 34 13.34 -11.89 0.24
C PRO B 34 14.56 -11.29 0.90
N PHE B 35 14.30 -10.44 1.90
CA PHE B 35 15.34 -9.70 2.60
C PHE B 35 15.32 -9.95 4.10
N ALA B 36 14.15 -9.90 4.73
CA ALA B 36 14.03 -10.13 6.16
C ALA B 36 12.55 -10.31 6.45
N SER B 37 12.26 -10.97 7.57
CA SER B 37 10.86 -11.15 7.97
C SER B 37 10.77 -11.41 9.46
N GLY B 38 9.54 -11.32 9.98
CA GLY B 38 9.29 -11.61 11.37
C GLY B 38 7.82 -11.44 11.66
N LYS B 39 7.49 -11.48 12.95
CA LYS B 39 6.13 -11.26 13.41
C LYS B 39 6.18 -10.15 14.44
N THR B 40 5.17 -9.28 14.45
CA THR B 40 5.19 -8.20 15.41
C THR B 40 5.07 -8.73 16.84
N SER B 41 5.68 -8.00 17.77
CA SER B 41 5.71 -8.37 19.18
C SER B 41 4.40 -7.95 19.85
N GLU B 42 4.37 -8.15 21.17
CA GLU B 42 3.24 -7.70 21.98
C GLU B 42 3.05 -6.19 21.92
N SER B 43 4.09 -5.44 21.56
CA SER B 43 3.99 -4.00 21.41
C SER B 43 3.67 -3.58 19.97
N GLY B 44 3.40 -4.54 19.08
CA GLY B 44 3.15 -4.21 17.69
C GLY B 44 4.39 -3.89 16.90
N GLU B 45 5.57 -4.16 17.46
CA GLU B 45 6.82 -3.75 16.84
C GLU B 45 7.60 -4.96 16.34
N LEU B 46 8.38 -4.71 15.30
CA LEU B 46 9.27 -5.73 14.77
C LEU B 46 10.62 -5.06 14.62
N HIS B 47 11.56 -5.48 15.44
CA HIS B 47 12.93 -4.98 15.47
C HIS B 47 13.86 -6.06 14.96
N GLY B 48 15.10 -5.65 14.69
CA GLY B 48 16.12 -6.62 14.33
C GLY B 48 15.98 -7.18 12.93
N LEU B 49 15.25 -6.52 12.04
CA LEU B 49 15.08 -7.03 10.70
C LEU B 49 16.40 -7.07 9.95
N THR B 50 17.23 -6.04 10.12
CA THR B 50 18.45 -5.94 9.33
C THR B 50 19.51 -5.20 10.12
N THR B 51 20.65 -4.98 9.49
CA THR B 51 21.75 -4.26 10.09
C THR B 51 22.13 -3.12 9.17
N GLU B 52 22.86 -2.15 9.73
CA GLU B 52 23.36 -1.06 8.89
C GLU B 52 24.19 -1.59 7.73
N GLU B 53 24.95 -2.66 7.96
CA GLU B 53 25.82 -3.18 6.91
C GLU B 53 25.00 -3.68 5.73
N GLU B 54 23.93 -4.41 6.01
CA GLU B 54 23.14 -5.07 4.96
C GLU B 54 22.14 -4.13 4.30
N PHE B 55 21.70 -3.08 5.01
CA PHE B 55 20.61 -2.22 4.55
C PHE B 55 21.16 -1.11 3.67
N VAL B 56 21.64 -1.50 2.49
CA VAL B 56 22.24 -0.57 1.54
C VAL B 56 21.17 0.17 0.76
N GLU B 57 21.56 1.20 0.01
CA GLU B 57 20.59 1.88 -0.83
C GLU B 57 19.94 0.90 -1.80
N GLY B 58 18.66 1.12 -2.07
CA GLY B 58 17.92 0.25 -2.94
C GLY B 58 16.44 0.50 -2.76
N ILE B 59 15.64 -0.26 -3.49
CA ILE B 59 14.19 -0.20 -3.36
C ILE B 59 13.73 -1.38 -2.54
N TYR B 60 12.95 -1.10 -1.49
CA TYR B 60 12.50 -2.11 -0.55
C TYR B 60 10.98 -2.15 -0.54
N LYS B 61 10.43 -3.34 -0.29
CA LYS B 61 9.01 -3.52 -0.10
C LYS B 61 8.76 -4.19 1.23
N VAL B 62 7.92 -3.57 2.07
CA VAL B 62 7.49 -4.14 3.33
C VAL B 62 6.05 -4.59 3.15
N GLU B 63 5.83 -5.90 3.25
CA GLU B 63 4.50 -6.49 3.14
C GLU B 63 4.01 -6.87 4.52
N ILE B 64 2.85 -6.35 4.91
CA ILE B 64 2.25 -6.61 6.21
C ILE B 64 1.04 -7.51 5.98
N ASP B 65 1.02 -8.69 6.59
CA ASP B 65 -0.01 -9.68 6.30
C ASP B 65 -1.29 -9.40 7.10
N THR B 66 -2.00 -8.37 6.65
CA THR B 66 -3.19 -7.90 7.33
C THR B 66 -4.36 -8.87 7.21
N LYS B 67 -4.49 -9.58 6.08
CA LYS B 67 -5.64 -10.44 5.90
C LYS B 67 -5.69 -11.53 6.96
N SER B 68 -4.55 -12.18 7.21
CA SER B 68 -4.51 -13.22 8.22
C SER B 68 -4.79 -12.65 9.60
N TYR B 69 -4.33 -11.44 9.86
CA TYR B 69 -4.59 -10.79 11.15
C TYR B 69 -6.09 -10.65 11.40
N TRP B 70 -6.81 -10.10 10.42
CA TRP B 70 -8.25 -9.89 10.60
C TRP B 70 -8.99 -11.22 10.64
N LYS B 71 -8.60 -12.17 9.80
CA LYS B 71 -9.28 -13.47 9.81
C LYS B 71 -9.15 -14.13 11.17
N ALA B 72 -8.00 -13.99 11.82
CA ALA B 72 -7.82 -14.57 13.14
C ALA B 72 -8.74 -13.92 14.17
N LEU B 73 -9.14 -12.67 13.95
CA LEU B 73 -10.07 -12.00 14.83
C LEU B 73 -11.52 -12.19 14.43
N GLY B 74 -11.80 -12.92 13.34
CA GLY B 74 -13.16 -13.15 12.92
C GLY B 74 -13.78 -11.99 12.17
N ILE B 75 -12.95 -11.11 11.60
CA ILE B 75 -13.43 -9.91 10.93
C ILE B 75 -13.07 -10.01 9.46
N SER B 76 -14.05 -9.83 8.59
CA SER B 76 -13.82 -9.97 7.17
C SER B 76 -13.05 -8.76 6.66
N PRO B 77 -11.85 -8.93 6.10
CA PRO B 77 -11.10 -7.76 5.65
C PRO B 77 -11.17 -7.57 4.14
N PHE B 78 -10.76 -6.38 3.71
CA PHE B 78 -10.75 -6.04 2.30
C PHE B 78 -9.43 -6.43 1.61
N HIS B 79 -8.30 -6.06 2.19
CA HIS B 79 -7.02 -6.18 1.51
C HIS B 79 -6.41 -7.55 1.70
N GLU B 80 -5.64 -7.99 0.69
CA GLU B 80 -4.80 -9.17 0.87
C GLU B 80 -3.68 -8.89 1.84
N HIS B 81 -3.07 -7.72 1.75
CA HIS B 81 -2.00 -7.31 2.64
C HIS B 81 -1.87 -5.81 2.47
N ALA B 82 -1.01 -5.21 3.27
CA ALA B 82 -0.62 -3.83 3.06
C ALA B 82 0.82 -3.84 2.59
N GLU B 83 1.12 -3.10 1.53
CA GLU B 83 2.46 -3.06 0.95
C GLU B 83 3.01 -1.65 1.05
N VAL B 84 4.25 -1.52 1.50
CA VAL B 84 4.91 -0.22 1.59
C VAL B 84 6.20 -0.33 0.78
N VAL B 85 6.30 0.45 -0.30
CA VAL B 85 7.43 0.37 -1.22
C VAL B 85 8.16 1.71 -1.24
N PHE B 86 9.47 1.69 -1.03
CA PHE B 86 10.21 2.93 -0.85
C PHE B 86 11.67 2.71 -1.22
N THR B 87 12.34 3.80 -1.60
CA THR B 87 13.78 3.79 -1.81
C THR B 87 14.48 4.20 -0.52
N ALA B 88 15.51 3.44 -0.14
CA ALA B 88 16.35 3.83 0.98
C ALA B 88 17.51 4.64 0.41
N ASN B 89 17.80 5.79 1.01
CA ASN B 89 18.91 6.65 0.61
C ASN B 89 19.79 7.01 1.80
N ASP B 90 21.09 7.10 1.53
CA ASP B 90 22.09 7.41 2.54
C ASP B 90 22.22 8.89 2.85
N SER B 91 21.61 9.77 2.06
CA SER B 91 21.64 11.20 2.32
C SER B 91 20.43 11.65 3.14
N GLY B 92 19.77 10.71 3.80
CA GLY B 92 18.59 10.97 4.58
C GLY B 92 18.79 10.46 5.99
N PRO B 93 17.79 10.64 6.85
CA PRO B 93 17.93 10.17 8.23
C PRO B 93 18.29 8.69 8.25
N ARG B 94 19.06 8.31 9.26
CA ARG B 94 19.65 6.98 9.31
C ARG B 94 18.64 5.88 9.67
N ARG B 95 17.62 6.20 10.46
CA ARG B 95 16.67 5.20 10.94
C ARG B 95 15.31 5.36 10.27
N TYR B 96 14.76 4.24 9.80
CA TYR B 96 13.45 4.22 9.15
C TYR B 96 12.50 3.44 10.03
N THR B 97 11.39 4.07 10.42
CA THR B 97 10.28 3.38 11.04
C THR B 97 9.09 3.43 10.09
N ILE B 98 8.58 2.26 9.72
CA ILE B 98 7.37 2.15 8.91
C ILE B 98 6.25 1.86 9.89
N ALA B 99 5.31 2.79 10.02
CA ALA B 99 4.17 2.62 10.90
C ALA B 99 2.92 2.40 10.07
N ALA B 100 2.07 1.47 10.51
CA ALA B 100 0.83 1.17 9.79
C ALA B 100 -0.29 1.08 10.80
N LEU B 101 -1.42 1.70 10.47
CA LEU B 101 -2.63 1.66 11.28
C LEU B 101 -3.68 0.91 10.47
N LEU B 102 -4.23 -0.16 11.05
CA LEU B 102 -5.04 -1.12 10.31
C LEU B 102 -6.50 -1.06 10.73
N SER B 103 -7.38 -1.05 9.74
CA SER B 103 -8.79 -1.33 9.91
C SER B 103 -9.20 -2.37 8.88
N PRO B 104 -10.36 -3.00 9.04
CA PRO B 104 -10.70 -4.08 8.11
C PRO B 104 -10.75 -3.65 6.65
N TYR B 105 -11.25 -2.44 6.36
CA TYR B 105 -11.36 -1.96 4.99
C TYR B 105 -10.46 -0.79 4.68
N SER B 106 -9.47 -0.50 5.53
CA SER B 106 -8.63 0.66 5.31
C SER B 106 -7.30 0.43 6.00
N TYR B 107 -6.24 1.03 5.46
CA TYR B 107 -5.02 1.12 6.24
C TYR B 107 -4.33 2.42 5.89
N SER B 108 -3.55 2.89 6.84
CA SER B 108 -2.78 4.10 6.67
C SER B 108 -1.34 3.75 6.99
N THR B 109 -0.40 4.37 6.30
CA THR B 109 0.98 4.12 6.60
C THR B 109 1.78 5.40 6.51
N THR B 110 2.77 5.52 7.40
CA THR B 110 3.65 6.68 7.38
CA THR B 110 3.64 6.68 7.41
C THR B 110 5.07 6.21 7.64
N ALA B 111 6.02 7.03 7.21
CA ALA B 111 7.42 6.77 7.47
C ALA B 111 7.91 7.83 8.43
N VAL B 112 8.62 7.40 9.46
CA VAL B 112 9.28 8.29 10.39
C VAL B 112 10.77 8.03 10.18
N VAL B 113 11.48 9.01 9.63
CA VAL B 113 12.87 8.84 9.28
C VAL B 113 13.66 9.84 10.10
N THR B 114 14.52 9.34 10.98
CA THR B 114 15.22 10.19 11.93
C THR B 114 16.71 9.91 11.93
N ASN B 115 17.46 10.92 12.36
CA ASN B 115 18.91 10.87 12.47
C ASN B 115 19.61 10.99 11.12
#